data_7KW1
#
_entry.id   7KW1
#
_cell.length_a   89.221
_cell.length_b   78.653
_cell.length_c   36.026
_cell.angle_alpha   90.000
_cell.angle_beta   96.570
_cell.angle_gamma   90.000
#
_symmetry.space_group_name_H-M   'C 1 2 1'
#
loop_
_entity.id
_entity.type
_entity.pdbx_description
1 polymer 'Stimulator of interferon genes protein'
2 non-polymer (2R,5R,7R,8R,10R,12aR,14R,15aS,16R)-7-(2-amino-6-oxo-1,6-dihydro-9H-purin-9-yl)-16-hydroxy-14-[(pyrimidin-4-yl)oxy]-2,10-disulfanyldecahydro-2H,10H-5,8-methano-2lambda~5~,10lambda~5~-cyclopenta[l][1,3,6,9,11,2,10]pentaoxadiphosphacyclotetradecine-2,10-dione
3 water water
#
_entity_poly.entity_id   1
_entity_poly.type   'polypeptide(L)'
_entity_poly.pdbx_seq_one_letter_code
;GGSAPAEISAVCEKGNFNVAHGLAWSYYIGYLRLILPELQARIRTYNQHYNNLLRGAVSQRLYILLPLDCGVPDNLSMAD
PNIRFLDKLPQQTGDRAGIKDRVYSNSIYELLENGQRAGTCVLEYATPLQTLFAMSQYSQAGFSREDRLEQAKLFCRTLE
DILADAPESQNNCRLIAYQEPADDSSFSLSQEVLRHLRQEEKEEVTVGSLKTSAVPSTSTMSQEPELLISGMEKPLPLRT
DFS
;
_entity_poly.pdbx_strand_id   A
#
loop_
_chem_comp.id
_chem_comp.type
_chem_comp.name
_chem_comp.formula
X4M non-polymer (2R,5R,7R,8R,10R,12aR,14R,15aS,16R)-7-(2-amino-6-oxo-1,6-dihydro-9H-purin-9-yl)-16-hydroxy-14-[(pyrimidin-4-yl)oxy]-2,10-disulfanyldecahydro-2H,10H-5,8-methano-2lambda~5~,10lambda~5~-cyclopenta[l][1,3,6,9,11,2,10]pentaoxadiphosphacyclotetradecine-2,10-dione 'C20 H25 N7 O10 P2 S2'
#
# COMPACT_ATOMS: atom_id res chain seq x y z
N ASN A 16 3.63 -24.12 -6.77
CA ASN A 16 3.91 -22.66 -6.96
C ASN A 16 3.24 -21.84 -5.85
N PHE A 17 2.12 -22.32 -5.30
CA PHE A 17 1.42 -21.76 -4.10
C PHE A 17 2.42 -21.02 -3.21
N ASN A 18 3.57 -21.64 -2.94
CA ASN A 18 4.52 -21.20 -1.90
C ASN A 18 5.18 -19.86 -2.28
N VAL A 19 5.13 -19.44 -3.57
CA VAL A 19 5.72 -18.13 -3.95
C VAL A 19 4.91 -17.01 -3.27
N ALA A 20 3.59 -16.94 -3.52
CA ALA A 20 2.75 -15.85 -2.96
C ALA A 20 2.66 -15.98 -1.43
N HIS A 21 2.63 -17.22 -0.93
CA HIS A 21 2.57 -17.52 0.53
C HIS A 21 3.77 -16.85 1.21
N GLY A 22 4.97 -17.13 0.71
CA GLY A 22 6.22 -16.53 1.20
C GLY A 22 6.22 -15.02 1.10
N LEU A 23 5.82 -14.48 -0.04
CA LEU A 23 5.87 -13.00 -0.24
C LEU A 23 4.87 -12.32 0.72
N ALA A 24 3.70 -12.90 0.95
CA ALA A 24 2.66 -12.32 1.85
C ALA A 24 3.20 -12.32 3.29
N TRP A 25 3.78 -13.43 3.72
CA TRP A 25 4.36 -13.53 5.07
C TRP A 25 5.51 -12.51 5.21
N SER A 26 6.36 -12.40 4.19
CA SER A 26 7.50 -11.46 4.16
C SER A 26 7.00 -10.02 4.24
N TYR A 27 5.91 -9.71 3.56
CA TYR A 27 5.31 -8.35 3.56
C TYR A 27 4.79 -8.01 4.95
N TYR A 28 4.18 -8.97 5.63
CA TYR A 28 3.70 -8.77 7.01
C TYR A 28 4.91 -8.61 7.94
N ILE A 29 5.78 -9.60 7.96
CA ILE A 29 6.90 -9.71 8.95
C ILE A 29 7.87 -8.53 8.80
N GLY A 30 8.20 -8.18 7.56
CA GLY A 30 9.23 -7.21 7.19
C GLY A 30 8.72 -5.81 7.01
N TYR A 31 7.41 -5.57 7.14
CA TYR A 31 6.87 -4.23 6.82
C TYR A 31 5.62 -3.94 7.65
N LEU A 32 4.51 -4.63 7.39
CA LEU A 32 3.23 -4.23 8.04
C LEU A 32 3.34 -4.36 9.56
N ARG A 33 3.95 -5.42 10.09
CA ARG A 33 3.97 -5.63 11.57
C ARG A 33 4.90 -4.59 12.21
N LEU A 34 5.81 -4.01 11.43
CA LEU A 34 6.78 -2.98 11.91
C LEU A 34 6.17 -1.58 11.81
N ILE A 35 5.41 -1.26 10.77
CA ILE A 35 4.96 0.15 10.58
C ILE A 35 3.52 0.34 11.08
N LEU A 36 2.66 -0.68 11.05
CA LEU A 36 1.22 -0.45 11.38
C LEU A 36 1.07 -0.04 12.84
N PRO A 37 1.80 -0.63 13.82
CA PRO A 37 1.68 -0.21 15.21
C PRO A 37 1.93 1.28 15.47
N GLU A 38 2.79 1.91 14.66
CA GLU A 38 3.27 3.31 14.84
C GLU A 38 2.54 4.28 13.89
N LEU A 39 1.71 3.78 12.99
CA LEU A 39 1.13 4.59 11.89
C LEU A 39 0.19 5.67 12.44
N GLN A 40 -0.75 5.31 13.32
CA GLN A 40 -1.74 6.26 13.89
C GLN A 40 -1.03 7.44 14.54
N ALA A 41 0.09 7.19 15.22
CA ALA A 41 0.88 8.22 15.92
C ALA A 41 1.55 9.14 14.89
N ARG A 42 2.05 8.57 13.78
CA ARG A 42 2.71 9.36 12.72
C ARG A 42 1.67 10.24 12.01
N ILE A 43 0.46 9.72 11.78
CA ILE A 43 -0.64 10.48 11.09
C ILE A 43 -1.13 11.58 12.03
N ARG A 44 -1.36 11.26 13.31
CA ARG A 44 -1.71 12.24 14.37
C ARG A 44 -0.65 13.36 14.43
N THR A 45 0.65 13.00 14.44
CA THR A 45 1.77 13.97 14.40
C THR A 45 1.66 14.85 13.15
N TYR A 46 1.46 14.25 11.98
CA TYR A 46 1.33 15.01 10.71
C TYR A 46 0.17 16.01 10.79
N ASN A 47 -1.01 15.54 11.23
CA ASN A 47 -2.25 16.35 11.28
C ASN A 47 -2.07 17.55 12.22
N GLN A 48 -1.35 17.35 13.33
CA GLN A 48 -1.18 18.35 14.40
C GLN A 48 -0.09 19.36 14.04
N HIS A 49 1.04 18.90 13.46
CA HIS A 49 2.29 19.70 13.36
C HIS A 49 2.70 20.05 11.91
N TYR A 50 2.25 19.31 10.90
CA TYR A 50 2.76 19.46 9.50
C TYR A 50 1.62 19.76 8.51
N ASN A 51 0.42 19.24 8.74
CA ASN A 51 -0.72 19.42 7.82
C ASN A 51 -1.04 20.92 7.73
N ASN A 52 -1.33 21.40 6.52
CA ASN A 52 -1.80 22.78 6.24
C ASN A 52 -3.00 23.05 7.14
N LEU A 53 -3.05 24.20 7.80
CA LEU A 53 -4.08 24.54 8.83
C LEU A 53 -5.47 24.52 8.18
N LEU A 54 -5.58 24.78 6.88
CA LEU A 54 -6.88 25.01 6.20
C LEU A 54 -7.43 23.70 5.63
N ARG A 55 -6.62 22.66 5.48
CA ARG A 55 -7.03 21.41 4.76
C ARG A 55 -7.57 20.38 5.76
N GLY A 56 -8.30 19.39 5.23
CA GLY A 56 -8.83 18.25 6.00
C GLY A 56 -7.70 17.45 6.62
N ALA A 57 -7.96 16.80 7.76
CA ALA A 57 -7.06 15.83 8.42
C ALA A 57 -6.77 14.69 7.45
N VAL A 58 -5.55 14.18 7.46
CA VAL A 58 -5.19 12.89 6.80
C VAL A 58 -5.98 11.79 7.50
N SER A 59 -6.67 10.97 6.70
CA SER A 59 -7.50 9.83 7.18
C SER A 59 -6.59 8.83 7.89
N GLN A 60 -7.12 8.15 8.90
CA GLN A 60 -6.42 7.04 9.57
C GLN A 60 -6.31 5.91 8.54
N ARG A 61 -5.38 5.01 8.77
CA ARG A 61 -5.26 3.71 8.05
C ARG A 61 -4.33 3.86 6.84
N LEU A 62 -3.55 2.82 6.62
CA LEU A 62 -2.73 2.69 5.39
C LEU A 62 -3.60 2.01 4.33
N TYR A 63 -3.80 2.66 3.20
CA TYR A 63 -4.57 2.11 2.04
C TYR A 63 -3.56 1.46 1.10
N ILE A 64 -3.72 0.15 0.90
CA ILE A 64 -2.77 -0.67 0.12
C ILE A 64 -3.46 -1.11 -1.17
N LEU A 65 -2.92 -0.67 -2.30
CA LEU A 65 -3.45 -1.01 -3.64
C LEU A 65 -2.91 -2.38 -4.05
N LEU A 66 -3.82 -3.26 -4.46
CA LEU A 66 -3.53 -4.65 -4.89
C LEU A 66 -4.12 -4.86 -6.27
N PRO A 67 -3.48 -4.33 -7.34
CA PRO A 67 -3.87 -4.65 -8.71
C PRO A 67 -3.56 -6.11 -9.03
N LEU A 68 -4.60 -6.89 -9.36
CA LEU A 68 -4.41 -8.34 -9.57
C LEU A 68 -3.65 -8.62 -10.88
N ASP A 69 -3.58 -7.67 -11.81
CA ASP A 69 -2.72 -7.78 -13.02
C ASP A 69 -1.25 -7.48 -12.65
N CYS A 70 -0.98 -7.05 -11.42
CA CYS A 70 0.37 -6.77 -10.89
C CYS A 70 1.04 -5.63 -11.66
N GLY A 71 0.25 -4.78 -12.29
CA GLY A 71 0.73 -3.53 -12.90
C GLY A 71 0.93 -2.49 -11.82
N VAL A 72 2.18 -2.26 -11.42
CA VAL A 72 2.51 -1.35 -10.29
C VAL A 72 3.47 -0.30 -10.81
N PRO A 73 2.97 0.91 -11.17
CA PRO A 73 3.84 2.02 -11.54
C PRO A 73 4.52 2.51 -10.26
N ASP A 74 5.71 3.09 -10.40
CA ASP A 74 6.44 3.68 -9.26
C ASP A 74 5.84 5.05 -8.92
N ASN A 75 5.42 5.79 -9.94
CA ASN A 75 4.78 7.12 -9.80
C ASN A 75 3.26 6.95 -9.86
N LEU A 76 2.63 6.89 -8.69
CA LEU A 76 1.15 6.82 -8.56
C LEU A 76 0.58 8.14 -9.07
N SER A 77 1.21 9.25 -8.69
CA SER A 77 0.73 10.64 -8.91
C SER A 77 0.43 10.91 -10.39
N MET A 78 1.05 10.16 -11.32
CA MET A 78 0.82 10.29 -12.78
C MET A 78 -0.09 9.17 -13.31
N ALA A 79 -0.09 7.99 -12.70
CA ALA A 79 -0.89 6.81 -13.12
C ALA A 79 -2.40 7.10 -13.06
N ASP A 80 -2.83 8.08 -12.28
CA ASP A 80 -4.23 8.61 -12.28
C ASP A 80 -4.16 10.12 -12.12
N PRO A 81 -4.82 10.90 -13.03
CA PRO A 81 -4.90 12.35 -12.87
C PRO A 81 -5.61 12.78 -11.57
N ASN A 82 -6.49 11.92 -11.04
CA ASN A 82 -7.33 12.21 -9.85
C ASN A 82 -6.63 11.73 -8.56
N ILE A 83 -5.40 11.24 -8.66
CA ILE A 83 -4.58 10.90 -7.45
C ILE A 83 -3.30 11.73 -7.53
N ARG A 84 -3.09 12.63 -6.56
CA ARG A 84 -1.97 13.58 -6.57
C ARG A 84 -1.21 13.51 -5.25
N PHE A 85 0.10 13.35 -5.34
CA PHE A 85 1.03 13.40 -4.19
C PHE A 85 0.87 14.75 -3.50
N LEU A 86 0.76 14.72 -2.17
CA LEU A 86 0.57 15.92 -1.31
C LEU A 86 1.83 16.11 -0.46
N ASP A 87 2.25 15.08 0.27
CA ASP A 87 3.29 15.21 1.32
C ASP A 87 3.75 13.82 1.79
N LYS A 88 4.83 13.75 2.55
CA LYS A 88 5.28 12.51 3.24
C LYS A 88 4.88 12.59 4.71
N LEU A 89 4.57 11.45 5.34
CA LEU A 89 4.50 11.35 6.81
C LEU A 89 5.90 11.58 7.36
N PRO A 90 6.03 11.85 8.68
CA PRO A 90 7.32 11.75 9.35
C PRO A 90 7.90 10.36 9.12
N GLN A 91 9.21 10.28 8.84
CA GLN A 91 9.92 8.99 8.59
C GLN A 91 9.94 8.15 9.87
N GLN A 92 9.87 6.83 9.70
CA GLN A 92 10.09 5.86 10.79
C GLN A 92 11.42 5.17 10.48
N THR A 93 12.35 5.19 11.43
CA THR A 93 13.72 4.64 11.25
C THR A 93 13.99 3.64 12.37
N GLY A 94 14.76 2.60 12.06
CA GLY A 94 15.26 1.67 13.08
C GLY A 94 16.38 0.84 12.50
N ASP A 95 17.20 0.26 13.35
CA ASP A 95 18.26 -0.68 12.91
C ASP A 95 17.54 -1.92 12.37
N ARG A 96 17.91 -2.36 11.17
CA ARG A 96 17.29 -3.55 10.53
C ARG A 96 18.38 -4.40 9.89
N ALA A 97 18.61 -5.59 10.43
CA ALA A 97 19.50 -6.61 9.83
C ALA A 97 20.86 -5.99 9.46
N GLY A 98 21.41 -5.15 10.35
CA GLY A 98 22.76 -4.57 10.19
C GLY A 98 22.74 -3.25 9.45
N ILE A 99 21.57 -2.79 9.01
CA ILE A 99 21.43 -1.41 8.45
C ILE A 99 21.09 -0.48 9.60
N LYS A 100 22.01 0.42 9.94
CA LYS A 100 21.70 1.47 10.94
C LYS A 100 20.63 2.40 10.36
N ASP A 101 19.58 2.64 11.14
CA ASP A 101 18.54 3.66 10.85
C ASP A 101 17.98 3.43 9.45
N ARG A 102 17.64 2.18 9.11
CA ARG A 102 16.86 1.94 7.88
C ARG A 102 15.59 2.79 7.93
N VAL A 103 15.19 3.33 6.79
CA VAL A 103 14.11 4.35 6.69
C VAL A 103 12.86 3.70 6.09
N TYR A 104 11.73 3.85 6.78
CA TYR A 104 10.39 3.47 6.29
C TYR A 104 9.64 4.78 6.09
N SER A 105 9.27 5.06 4.84
CA SER A 105 8.58 6.32 4.47
CA SER A 105 8.60 6.32 4.43
C SER A 105 7.24 6.00 3.80
N ASN A 106 6.26 6.87 4.02
CA ASN A 106 4.89 6.72 3.47
C ASN A 106 4.47 8.08 2.94
N SER A 107 3.69 8.03 1.87
CA SER A 107 3.28 9.18 1.02
C SER A 107 1.78 9.41 1.23
N ILE A 108 1.41 10.68 1.38
CA ILE A 108 0.02 11.16 1.54
C ILE A 108 -0.45 11.62 0.15
N TYR A 109 -1.66 11.23 -0.24
CA TYR A 109 -2.26 11.58 -1.54
C TYR A 109 -3.60 12.28 -1.33
N GLU A 110 -3.89 13.26 -2.18
CA GLU A 110 -5.25 13.83 -2.33
C GLU A 110 -5.94 13.01 -3.42
N LEU A 111 -7.23 12.75 -3.22
CA LEU A 111 -8.12 12.07 -4.20
C LEU A 111 -9.09 13.13 -4.73
N LEU A 112 -9.09 13.36 -6.04
CA LEU A 112 -9.91 14.40 -6.71
C LEU A 112 -11.19 13.77 -7.24
N GLU A 113 -12.30 14.50 -7.12
CA GLU A 113 -13.61 14.14 -7.68
C GLU A 113 -14.22 15.42 -8.22
N ASN A 114 -14.48 15.46 -9.53
CA ASN A 114 -14.98 16.67 -10.24
C ASN A 114 -13.99 17.82 -10.05
N GLY A 115 -12.69 17.52 -10.12
CA GLY A 115 -11.59 18.51 -10.09
C GLY A 115 -11.29 19.03 -8.70
N GLN A 116 -12.04 18.62 -7.67
CA GLN A 116 -11.90 19.10 -6.27
C GLN A 116 -11.46 17.96 -5.35
N ARG A 117 -10.75 18.30 -4.26
CA ARG A 117 -10.28 17.32 -3.24
C ARG A 117 -11.49 16.69 -2.54
N ALA A 118 -11.57 15.35 -2.55
CA ALA A 118 -12.66 14.56 -1.92
C ALA A 118 -12.12 13.72 -0.75
N GLY A 119 -10.81 13.58 -0.65
CA GLY A 119 -10.17 12.79 0.42
C GLY A 119 -8.67 12.95 0.41
N THR A 120 -8.06 12.69 1.57
CA THR A 120 -6.60 12.69 1.81
C THR A 120 -6.28 11.43 2.60
N CYS A 121 -5.30 10.64 2.14
CA CYS A 121 -4.98 9.36 2.81
C CYS A 121 -3.56 8.91 2.47
N VAL A 122 -3.03 8.06 3.35
CA VAL A 122 -1.73 7.37 3.17
C VAL A 122 -2.02 6.20 2.22
N LEU A 123 -1.37 6.19 1.07
CA LEU A 123 -1.73 5.31 -0.05
C LEU A 123 -0.46 4.78 -0.71
N GLU A 124 -0.44 3.51 -1.05
CA GLU A 124 0.69 2.91 -1.79
C GLU A 124 0.25 1.57 -2.37
N TYR A 125 1.03 1.07 -3.33
CA TYR A 125 0.90 -0.30 -3.87
C TYR A 125 1.64 -1.27 -2.95
N ALA A 126 1.17 -2.51 -2.90
CA ALA A 126 1.91 -3.64 -2.29
C ALA A 126 3.10 -3.96 -3.20
N THR A 127 4.32 -3.59 -2.79
N THR A 127 4.30 -3.56 -2.77
CA THR A 127 5.53 -3.72 -3.63
CA THR A 127 5.59 -3.75 -3.47
C THR A 127 5.76 -5.17 -4.04
C THR A 127 5.72 -5.17 -4.02
N PRO A 128 5.40 -6.22 -3.24
CA PRO A 128 5.58 -7.61 -3.71
C PRO A 128 4.85 -7.97 -5.01
N LEU A 129 3.75 -7.29 -5.32
CA LEU A 129 3.03 -7.53 -6.60
C LEU A 129 3.94 -7.09 -7.75
N GLN A 130 4.73 -6.05 -7.55
CA GLN A 130 5.74 -5.65 -8.56
C GLN A 130 6.75 -6.80 -8.75
N THR A 131 7.18 -7.48 -7.68
CA THR A 131 8.05 -8.70 -7.74
C THR A 131 7.40 -9.81 -8.55
N LEU A 132 6.12 -10.10 -8.30
CA LEU A 132 5.44 -11.20 -9.04
C LEU A 132 5.52 -10.86 -10.52
N PHE A 133 5.29 -9.59 -10.85
CA PHE A 133 5.27 -9.15 -12.27
C PHE A 133 6.65 -9.39 -12.88
N ALA A 134 7.69 -8.90 -12.24
CA ALA A 134 9.07 -9.04 -12.74
C ALA A 134 9.44 -10.53 -12.86
N MET A 135 9.07 -11.38 -11.90
CA MET A 135 9.40 -12.83 -11.94
C MET A 135 8.79 -13.48 -13.17
N SER A 136 7.59 -13.07 -13.56
CA SER A 136 6.89 -13.62 -14.75
C SER A 136 7.65 -13.24 -16.02
N GLN A 137 8.47 -12.19 -15.98
CA GLN A 137 9.19 -11.67 -17.19
C GLN A 137 10.58 -12.30 -17.33
N TYR A 138 11.15 -12.86 -16.26
CA TYR A 138 12.54 -13.38 -16.23
C TYR A 138 12.54 -14.89 -16.51
N SER A 139 13.20 -15.32 -17.58
CA SER A 139 13.25 -16.73 -18.04
C SER A 139 13.62 -17.64 -16.88
N GLN A 140 14.58 -17.23 -16.04
CA GLN A 140 15.18 -18.16 -15.03
C GLN A 140 14.28 -18.29 -13.80
N ALA A 141 13.26 -17.44 -13.63
CA ALA A 141 12.32 -17.52 -12.50
C ALA A 141 11.37 -18.71 -12.68
N GLY A 142 11.15 -19.16 -13.92
CA GLY A 142 10.31 -20.33 -14.25
C GLY A 142 8.85 -20.09 -13.84
N PHE A 143 8.37 -18.87 -14.03
CA PHE A 143 7.05 -18.37 -13.54
C PHE A 143 6.29 -17.79 -14.74
N SER A 144 5.18 -18.41 -15.13
CA SER A 144 4.37 -17.99 -16.31
C SER A 144 3.43 -16.85 -15.95
N ARG A 145 2.93 -16.13 -16.95
CA ARG A 145 1.94 -15.04 -16.78
C ARG A 145 0.64 -15.61 -16.21
N GLU A 146 0.32 -16.89 -16.47
CA GLU A 146 -0.83 -17.59 -15.82
C GLU A 146 -0.54 -17.79 -14.33
N ASP A 147 0.64 -18.30 -14.00
CA ASP A 147 1.07 -18.43 -12.58
C ASP A 147 0.86 -17.08 -11.88
N ARG A 148 1.10 -15.98 -12.58
CA ARG A 148 1.15 -14.63 -11.93
C ARG A 148 -0.24 -14.23 -11.42
N LEU A 149 -1.30 -14.40 -12.21
CA LEU A 149 -2.67 -13.99 -11.77
C LEU A 149 -3.08 -14.80 -10.55
N GLU A 150 -2.81 -16.11 -10.57
CA GLU A 150 -3.15 -17.08 -9.50
C GLU A 150 -2.37 -16.69 -8.23
N GLN A 151 -1.09 -16.36 -8.40
CA GLN A 151 -0.20 -15.99 -7.27
C GLN A 151 -0.64 -14.63 -6.71
N ALA A 152 -1.09 -13.69 -7.54
CA ALA A 152 -1.55 -12.36 -7.07
C ALA A 152 -2.78 -12.56 -6.18
N LYS A 153 -3.73 -13.39 -6.61
CA LYS A 153 -4.94 -13.72 -5.82
C LYS A 153 -4.53 -14.36 -4.49
N LEU A 154 -3.63 -15.34 -4.54
CA LEU A 154 -3.18 -16.06 -3.33
C LEU A 154 -2.45 -15.10 -2.40
N PHE A 155 -1.66 -14.16 -2.95
CA PHE A 155 -0.94 -13.13 -2.16
C PHE A 155 -1.97 -12.36 -1.33
N CYS A 156 -3.02 -11.84 -1.98
CA CYS A 156 -4.08 -11.04 -1.31
C CYS A 156 -4.82 -11.87 -0.26
N ARG A 157 -5.21 -13.10 -0.59
CA ARG A 157 -5.94 -14.02 0.32
C ARG A 157 -5.07 -14.30 1.55
N THR A 158 -3.78 -14.59 1.35
CA THR A 158 -2.86 -14.90 2.47
C THR A 158 -2.72 -13.67 3.35
N LEU A 159 -2.54 -12.49 2.75
CA LEU A 159 -2.39 -11.22 3.51
C LEU A 159 -3.68 -10.95 4.31
N GLU A 160 -4.84 -11.08 3.68
CA GLU A 160 -6.15 -10.95 4.38
C GLU A 160 -6.16 -11.88 5.61
N ASP A 161 -5.82 -13.16 5.44
CA ASP A 161 -5.85 -14.17 6.52
C ASP A 161 -4.86 -13.80 7.63
N ILE A 162 -3.65 -13.36 7.29
CA ILE A 162 -2.65 -12.90 8.29
C ILE A 162 -3.26 -11.74 9.08
N LEU A 163 -3.74 -10.71 8.38
CA LEU A 163 -4.12 -9.44 9.06
C LEU A 163 -5.37 -9.68 9.93
N ALA A 164 -6.20 -10.68 9.60
CA ALA A 164 -7.41 -11.04 10.36
C ALA A 164 -7.05 -11.56 11.76
N ASP A 165 -5.83 -12.04 11.99
CA ASP A 165 -5.36 -12.53 13.31
C ASP A 165 -4.25 -11.62 13.86
N ALA A 166 -3.94 -10.50 13.20
CA ALA A 166 -2.71 -9.73 13.46
C ALA A 166 -3.00 -8.67 14.52
N PRO A 167 -2.27 -8.66 15.66
CA PRO A 167 -2.50 -7.68 16.72
C PRO A 167 -2.03 -6.26 16.35
N GLU A 168 -1.08 -6.13 15.41
CA GLU A 168 -0.57 -4.81 14.93
C GLU A 168 -1.67 -4.12 14.10
N SER A 169 -2.48 -4.90 13.38
CA SER A 169 -3.66 -4.41 12.64
C SER A 169 -4.80 -4.13 13.64
N GLN A 170 -4.97 -2.87 13.98
CA GLN A 170 -5.94 -2.37 15.00
C GLN A 170 -6.82 -1.33 14.31
N ASN A 171 -7.47 -1.74 13.21
CA ASN A 171 -8.14 -0.85 12.24
C ASN A 171 -7.08 0.03 11.56
N ASN A 172 -5.96 -0.55 11.13
CA ASN A 172 -4.75 0.23 10.76
C ASN A 172 -4.48 0.20 9.25
N CYS A 173 -5.11 -0.69 8.50
CA CYS A 173 -4.88 -0.71 7.04
C CYS A 173 -6.10 -1.28 6.34
N ARG A 174 -6.25 -0.94 5.07
CA ARG A 174 -7.35 -1.40 4.22
C ARG A 174 -6.73 -1.91 2.92
N LEU A 175 -7.03 -3.16 2.57
CA LEU A 175 -6.53 -3.78 1.33
C LEU A 175 -7.54 -3.44 0.22
N ILE A 176 -7.07 -2.83 -0.85
CA ILE A 176 -7.91 -2.50 -2.04
C ILE A 176 -7.46 -3.37 -3.21
N ALA A 177 -8.14 -4.50 -3.42
CA ALA A 177 -7.89 -5.44 -4.53
C ALA A 177 -8.82 -5.09 -5.70
N TYR A 178 -8.30 -5.12 -6.92
CA TYR A 178 -9.08 -4.73 -8.12
C TYR A 178 -8.44 -5.28 -9.38
N GLN A 179 -9.28 -5.31 -10.41
CA GLN A 179 -9.02 -5.87 -11.75
C GLN A 179 -9.66 -4.90 -12.75
N GLU A 180 -8.94 -4.48 -13.79
CA GLU A 180 -9.45 -3.57 -14.84
C GLU A 180 -9.99 -4.38 -16.01
N SER A 186 -14.84 3.28 -18.12
CA SER A 186 -13.49 2.74 -17.80
C SER A 186 -13.27 2.80 -16.29
N PHE A 187 -12.37 1.96 -15.78
CA PHE A 187 -12.04 1.83 -14.34
C PHE A 187 -11.47 3.16 -13.82
N SER A 188 -11.91 3.59 -12.63
CA SER A 188 -11.39 4.78 -11.91
C SER A 188 -10.74 4.36 -10.60
N LEU A 189 -9.41 4.50 -10.50
CA LEU A 189 -8.64 4.10 -9.28
C LEU A 189 -9.04 5.02 -8.12
N SER A 190 -9.15 6.32 -8.37
CA SER A 190 -9.55 7.34 -7.36
C SER A 190 -10.92 6.99 -6.77
N GLN A 191 -11.89 6.64 -7.61
CA GLN A 191 -13.26 6.26 -7.15
C GLN A 191 -13.18 5.00 -6.28
N GLU A 192 -12.36 4.04 -6.69
CA GLU A 192 -12.14 2.76 -5.97
C GLU A 192 -11.60 3.05 -4.56
N VAL A 193 -10.65 3.98 -4.43
CA VAL A 193 -10.07 4.37 -3.11
C VAL A 193 -11.12 5.16 -2.31
N LEU A 194 -11.82 6.09 -2.94
CA LEU A 194 -12.84 6.94 -2.27
C LEU A 194 -13.94 6.06 -1.67
N ARG A 195 -14.34 4.99 -2.37
CA ARG A 195 -15.36 4.04 -1.89
C ARG A 195 -14.91 3.40 -0.57
N HIS A 196 -13.65 2.97 -0.48
CA HIS A 196 -13.07 2.39 0.78
C HIS A 196 -12.97 3.49 1.84
N LEU A 197 -12.51 4.67 1.45
CA LEU A 197 -12.23 5.81 2.35
C LEU A 197 -13.53 6.29 3.02
N ARG A 198 -14.66 6.21 2.31
CA ARG A 198 -15.98 6.73 2.75
C ARG A 198 -16.69 5.71 3.64
N GLN A 199 -16.22 4.46 3.70
CA GLN A 199 -16.76 3.41 4.59
C GLN A 199 -16.16 3.58 5.99
C4 X4M B . 10.14 -3.82 2.90
C5 X4M B . 9.44 -1.84 2.58
C6 X4M B . 15.75 -3.46 1.22
C7 X4M B . 8.55 -2.65 1.91
C8 X4M B . 9.23 -0.43 2.54
C10 X4M B . 14.58 -6.37 -0.76
C13 X4M B . 9.73 -7.77 3.44
C15 X4M B . 13.44 -6.60 1.27
C17 X4M B . 9.50 -5.88 0.81
C20 X4M B . 8.48 -5.19 1.65
C1 X4M B . 15.39 -2.14 1.21
C2 X4M B . 16.12 -1.25 1.97
C3 X4M B . 17.48 -3.01 2.68
C9 X4M B . 7.25 -0.99 1.16
C11 X4M B . 14.90 -6.49 1.59
C12 X4M B . 12.13 -6.96 -0.79
C14 X4M B . 13.46 -7.17 -0.11
C16 X4M B . 8.67 -7.39 2.43
C18 X4M B . 15.41 -5.75 0.38
C19 X4M B . 9.19 -7.34 1.02
N21 X4M B . 17.16 -1.71 2.69
N22 X4M B . 16.79 -3.88 1.95
N23 X4M B . 10.42 -2.56 3.19
N24 X4M B . 7.46 -2.28 1.20
N25 X4M B . 9.01 -3.93 2.13
N26 X4M B . 8.10 -0.12 1.80
N27 X4M B . 6.21 -0.38 0.50
O28 X4M B . 9.96 0.38 3.10
S29 X4M B . 10.28 -5.18 -3.30
S30 X4M B . 12.60 -9.03 4.61
O31 X4M B . 11.92 -5.57 -0.82
O32 X4M B . 10.84 -6.90 3.37
O33 X4M B . 8.19 -6.08 2.73
O34 X4M B . 12.89 -7.60 2.10
O35 X4M B . 9.32 -5.57 -0.58
O36 X4M B . 8.09 -7.66 0.16
O37 X4M B . 10.63 -3.35 -0.91
O38 X4M B . 13.07 -6.00 4.13
O39 X4M B . 15.03 -4.37 0.45
P40 X4M B . 10.54 -4.89 -1.39
P41 X4M B . 12.38 -7.38 3.62
#